data_4XU3
#
_entry.id   4XU3
#
_cell.length_a   63.326
_cell.length_b   68.73
_cell.length_c   114.093
_cell.angle_alpha   90.0
_cell.angle_beta   90.0
_cell.angle_gamma   90.0
#
_symmetry.space_group_name_H-M   'P 21 21 21'
#
loop_
_entity.id
_entity.type
_entity.pdbx_description
1 polymer 'Bifunctional ligase/repressor BirA'
2 non-polymer N-({2-[(6-amino-9H-purin-9-yl)methoxy]ethyl}sulfamoyl)-5-[(3aS,4S,6aR)-2-oxohexahydro-1H-thieno[3,4-d]imidazol-4-yl]pentanamide
3 non-polymer 'CHLORIDE ION'
4 water water
#
_entity_poly.entity_id   1
_entity_poly.type   'polypeptide(L)'
_entity_poly.pdbx_seq_one_letter_code
;GSHMVTDRDRLRPPLDERSLRDQLIGAGSGWRQLDVVAQTGSTNADLLARAASGADIDGVVLIAEHQTAGRGRHGRGWAA
TARAQIILSVGVRVVDVPVQAWGWLSLAAGLAVLDSVAPLIAVPPAETGLKWPNDVLARGGKLAGILAEVAQPFVVLGVG
LNVTQAPEEVDPDATSLLDLGVAAPDRNRIASRLLRELEARIIQWRNANPQLAADYRARSLTIGSRVRVELPGGQDVVGI
ARDIDDQGRLCLDVGGRTVVVSAGDVVHLR
;
_entity_poly.pdbx_strand_id   A,B
#
# COMPACT_ATOMS: atom_id res chain seq x y z
N ASP A 7 9.72 -48.13 -2.14
CA ASP A 7 8.65 -47.26 -2.63
C ASP A 7 9.22 -46.02 -3.33
N ARG A 8 9.07 -44.86 -2.70
CA ARG A 8 9.55 -43.62 -3.30
C ARG A 8 11.06 -43.46 -3.12
N ASP A 9 11.62 -44.21 -2.17
CA ASP A 9 13.06 -44.14 -1.89
C ASP A 9 13.91 -44.56 -3.09
N ARG A 10 13.40 -45.51 -3.87
CA ARG A 10 14.10 -45.98 -5.07
C ARG A 10 14.11 -44.90 -6.15
N LEU A 11 13.17 -43.97 -6.05
CA LEU A 11 13.09 -42.86 -6.99
C LEU A 11 13.95 -41.68 -6.50
N ARG A 12 14.78 -41.94 -5.50
CA ARG A 12 15.57 -40.89 -4.87
C ARG A 12 17.07 -41.23 -4.84
N PRO A 13 17.74 -41.16 -6.00
CA PRO A 13 19.21 -41.30 -6.01
C PRO A 13 19.87 -40.01 -5.50
N PRO A 14 21.12 -40.11 -5.04
CA PRO A 14 21.79 -38.93 -4.49
C PRO A 14 22.16 -37.91 -5.55
N LEU A 15 22.37 -36.67 -5.14
CA LEU A 15 22.83 -35.61 -6.04
C LEU A 15 24.28 -35.82 -6.44
N ASP A 16 24.62 -35.41 -7.66
CA ASP A 16 26.00 -35.46 -8.12
C ASP A 16 26.64 -34.08 -7.98
N GLU A 17 27.39 -33.89 -6.91
CA GLU A 17 28.01 -32.60 -6.62
C GLU A 17 29.04 -32.21 -7.68
N ARG A 18 29.86 -33.18 -8.09
CA ARG A 18 30.89 -32.93 -9.09
C ARG A 18 30.28 -32.50 -10.42
N SER A 19 29.19 -33.14 -10.81
CA SER A 19 28.50 -32.81 -12.05
C SER A 19 27.90 -31.40 -12.00
N LEU A 20 27.25 -31.08 -10.89
CA LEU A 20 26.64 -29.76 -10.71
C LEU A 20 27.70 -28.66 -10.76
N ARG A 21 28.88 -28.95 -10.21
CA ARG A 21 29.98 -27.99 -10.23
C ARG A 21 30.49 -27.75 -11.65
N ASP A 22 30.53 -28.81 -12.45
CA ASP A 22 31.02 -28.71 -13.82
C ASP A 22 30.10 -27.89 -14.71
N GLN A 23 28.80 -27.91 -14.38
CA GLN A 23 27.80 -27.22 -15.20
C GLN A 23 27.57 -25.78 -14.77
N LEU A 24 27.72 -25.51 -13.48
CA LEU A 24 27.28 -24.25 -12.90
C LEU A 24 28.41 -23.33 -12.47
N ILE A 25 29.62 -23.86 -12.40
CA ILE A 25 30.78 -23.07 -11.99
C ILE A 25 31.78 -22.92 -13.13
N GLY A 26 32.11 -21.68 -13.48
CA GLY A 26 33.07 -21.41 -14.52
C GLY A 26 32.77 -20.14 -15.30
N ALA A 27 33.31 -20.04 -16.51
CA ALA A 27 33.08 -18.89 -17.36
C ALA A 27 31.63 -18.83 -17.82
N GLY A 28 31.04 -17.64 -17.77
CA GLY A 28 29.67 -17.44 -18.19
C GLY A 28 28.66 -17.70 -17.08
N SER A 29 29.15 -18.07 -15.91
CA SER A 29 28.28 -18.37 -14.78
C SER A 29 28.67 -17.54 -13.56
N GLY A 30 27.66 -17.02 -12.85
CA GLY A 30 27.89 -16.18 -11.70
C GLY A 30 28.11 -16.95 -10.41
N TRP A 31 27.73 -18.22 -10.40
CA TRP A 31 27.88 -19.06 -9.22
C TRP A 31 29.35 -19.39 -8.97
N ARG A 32 29.85 -18.95 -7.81
CA ARG A 32 31.27 -19.13 -7.48
C ARG A 32 31.53 -20.41 -6.72
N GLN A 33 30.62 -20.79 -5.83
CA GLN A 33 30.82 -21.94 -4.98
C GLN A 33 29.55 -22.78 -4.85
N LEU A 34 29.71 -24.10 -4.92
CA LEU A 34 28.58 -25.01 -4.77
C LEU A 34 29.00 -26.21 -3.92
N ASP A 35 28.22 -26.49 -2.88
CA ASP A 35 28.47 -27.65 -2.03
C ASP A 35 27.20 -28.44 -1.78
N VAL A 36 27.32 -29.76 -1.77
CA VAL A 36 26.20 -30.62 -1.41
C VAL A 36 26.51 -31.35 -0.12
N VAL A 37 25.76 -31.04 0.93
CA VAL A 37 25.93 -31.70 2.21
C VAL A 37 24.85 -32.77 2.39
N ALA A 38 25.21 -33.85 3.09
CA ALA A 38 24.28 -34.96 3.29
C ALA A 38 23.12 -34.57 4.20
N GLN A 39 23.39 -33.71 5.17
CA GLN A 39 22.38 -33.31 6.13
C GLN A 39 22.77 -32.03 6.88
N THR A 40 21.78 -31.19 7.17
CA THR A 40 21.99 -30.02 8.01
C THR A 40 20.68 -29.61 8.68
N GLY A 41 20.76 -28.67 9.62
CA GLY A 41 19.58 -28.16 10.28
C GLY A 41 18.78 -27.26 9.35
N SER A 42 19.44 -26.28 8.77
CA SER A 42 18.81 -25.35 7.84
C SER A 42 19.85 -24.71 6.93
N THR A 43 19.68 -24.87 5.63
CA THR A 43 20.63 -24.32 4.67
C THR A 43 20.66 -22.80 4.73
N ASN A 44 19.49 -22.21 5.01
CA ASN A 44 19.42 -20.76 5.20
C ASN A 44 20.23 -20.33 6.41
N ALA A 45 20.05 -21.04 7.53
CA ALA A 45 20.77 -20.74 8.75
C ALA A 45 22.28 -20.83 8.56
N ASP A 46 22.71 -21.81 7.77
CA ASP A 46 24.14 -22.03 7.55
C ASP A 46 24.79 -20.89 6.78
N LEU A 47 24.18 -20.47 5.68
CA LEU A 47 24.73 -19.39 4.88
C LEU A 47 24.68 -18.05 5.63
N LEU A 48 23.69 -17.90 6.50
CA LEU A 48 23.61 -16.73 7.35
C LEU A 48 24.75 -16.73 8.36
N ALA A 49 25.08 -17.91 8.85
CA ALA A 49 26.17 -18.08 9.81
C ALA A 49 27.53 -17.76 9.18
N ARG A 50 27.69 -18.17 7.92
CA ARG A 50 28.92 -17.88 7.18
C ARG A 50 29.12 -16.38 7.03
N ALA A 51 28.08 -15.69 6.58
CA ALA A 51 28.13 -14.25 6.37
C ALA A 51 28.33 -13.52 7.69
N ALA A 52 27.79 -14.09 8.77
CA ALA A 52 27.94 -13.50 10.09
C ALA A 52 29.39 -13.56 10.56
N SER A 53 30.16 -14.48 9.98
CA SER A 53 31.56 -14.64 10.36
C SER A 53 32.50 -14.00 9.34
N GLY A 54 31.94 -13.22 8.41
CA GLY A 54 32.75 -12.42 7.51
C GLY A 54 32.90 -12.97 6.11
N ALA A 55 32.32 -14.14 5.85
CA ALA A 55 32.45 -14.77 4.54
C ALA A 55 31.65 -14.03 3.49
N ASP A 56 32.19 -14.00 2.26
CA ASP A 56 31.47 -13.44 1.12
C ASP A 56 30.64 -14.54 0.47
N ILE A 57 29.33 -14.53 0.74
CA ILE A 57 28.45 -15.60 0.28
C ILE A 57 27.78 -15.29 -1.05
N ASP A 58 28.17 -14.18 -1.68
CA ASP A 58 27.59 -13.81 -2.97
C ASP A 58 27.93 -14.84 -4.04
N GLY A 59 26.90 -15.45 -4.62
CA GLY A 59 27.08 -16.44 -5.66
C GLY A 59 27.48 -17.80 -5.11
N VAL A 60 27.23 -18.00 -3.81
CA VAL A 60 27.55 -19.28 -3.17
C VAL A 60 26.29 -20.14 -3.05
N VAL A 61 26.41 -21.41 -3.43
CA VAL A 61 25.27 -22.32 -3.40
C VAL A 61 25.48 -23.45 -2.38
N LEU A 62 24.49 -23.65 -1.52
CA LEU A 62 24.53 -24.75 -0.56
C LEU A 62 23.30 -25.63 -0.72
N ILE A 63 23.52 -26.90 -1.07
CA ILE A 63 22.44 -27.84 -1.25
C ILE A 63 22.49 -28.95 -0.21
N ALA A 64 21.35 -29.27 0.39
CA ALA A 64 21.28 -30.35 1.37
C ALA A 64 20.35 -31.46 0.92
N GLU A 65 20.83 -32.70 1.02
CA GLU A 65 20.01 -33.87 0.71
C GLU A 65 18.87 -34.00 1.72
N HIS A 66 19.12 -33.52 2.94
CA HIS A 66 18.13 -33.61 4.02
C HIS A 66 18.22 -32.38 4.92
N GLN A 67 17.07 -31.94 5.41
CA GLN A 67 17.01 -30.76 6.28
C GLN A 67 16.14 -31.07 7.49
N THR A 68 16.74 -31.01 8.69
CA THR A 68 16.07 -31.49 9.89
C THR A 68 15.37 -30.39 10.69
N ALA A 69 15.82 -29.15 10.54
CA ALA A 69 15.18 -28.03 11.23
C ALA A 69 14.90 -26.88 10.26
N GLY A 70 14.18 -27.20 9.19
CA GLY A 70 13.91 -26.24 8.13
C GLY A 70 13.12 -25.03 8.60
N ARG A 71 13.50 -23.86 8.09
CA ARG A 71 12.81 -22.62 8.43
C ARG A 71 11.72 -22.30 7.42
N GLY A 72 10.68 -21.61 7.90
CA GLY A 72 9.64 -21.11 7.02
C GLY A 72 9.38 -19.66 7.33
N ARG A 73 8.51 -19.02 6.54
CA ARG A 73 8.17 -17.63 6.78
C ARG A 73 7.38 -17.46 8.06
N HIS A 74 7.48 -16.28 8.66
CA HIS A 74 6.71 -15.91 9.85
C HIS A 74 6.92 -16.89 11.01
N GLY A 75 8.15 -17.36 11.16
CA GLY A 75 8.50 -18.24 12.26
C GLY A 75 7.91 -19.63 12.18
N ARG A 76 7.64 -20.09 10.97
CA ARG A 76 7.15 -21.45 10.77
C ARG A 76 8.28 -22.38 10.35
N GLY A 77 7.96 -23.67 10.21
CA GLY A 77 8.95 -24.67 9.88
C GLY A 77 8.89 -25.12 8.44
N TRP A 78 9.72 -26.09 8.09
CA TRP A 78 9.70 -26.69 6.76
C TRP A 78 10.10 -28.15 6.85
N ALA A 79 9.15 -29.04 6.60
CA ALA A 79 9.38 -30.47 6.75
C ALA A 79 10.02 -31.08 5.50
N ALA A 80 10.81 -32.13 5.70
CA ALA A 80 11.50 -32.77 4.58
C ALA A 80 11.98 -34.17 4.95
N THR A 81 11.99 -35.06 3.97
CA THR A 81 12.64 -36.36 4.12
C THR A 81 13.82 -36.43 3.17
N ALA A 82 14.77 -37.31 3.49
CA ALA A 82 16.03 -37.38 2.75
C ALA A 82 15.84 -37.63 1.25
N ARG A 83 16.50 -36.81 0.44
CA ARG A 83 16.55 -36.97 -1.02
C ARG A 83 15.19 -36.88 -1.69
N ALA A 84 14.20 -36.31 -1.00
CA ALA A 84 12.87 -36.17 -1.55
C ALA A 84 12.65 -34.79 -2.16
N GLN A 85 13.50 -33.85 -1.79
CA GLN A 85 13.37 -32.47 -2.27
C GLN A 85 14.66 -31.96 -2.87
N ILE A 86 14.57 -30.78 -3.50
CA ILE A 86 15.75 -29.98 -3.79
C ILE A 86 15.82 -28.89 -2.75
N ILE A 87 16.80 -29.01 -1.84
CA ILE A 87 16.91 -28.11 -0.71
C ILE A 87 18.18 -27.28 -0.82
N LEU A 88 18.03 -26.01 -1.19
CA LEU A 88 19.21 -25.17 -1.39
C LEU A 88 19.03 -23.75 -0.89
N SER A 89 20.15 -23.09 -0.65
CA SER A 89 20.18 -21.68 -0.32
C SER A 89 21.28 -21.02 -1.15
N VAL A 90 21.04 -19.78 -1.58
CA VAL A 90 22.06 -19.02 -2.30
C VAL A 90 22.27 -17.66 -1.64
N GLY A 91 23.49 -17.14 -1.74
CA GLY A 91 23.80 -15.83 -1.22
C GLY A 91 23.77 -14.80 -2.32
N VAL A 92 23.12 -13.67 -2.05
CA VAL A 92 23.00 -12.59 -3.03
C VAL A 92 23.37 -11.24 -2.41
N ARG A 93 24.36 -10.57 -3.00
CA ARG A 93 24.73 -9.24 -2.55
C ARG A 93 23.67 -8.24 -3.00
N VAL A 94 23.13 -7.49 -2.06
CA VAL A 94 21.97 -6.65 -2.34
C VAL A 94 22.17 -5.18 -1.97
N VAL A 95 23.27 -4.87 -1.28
CA VAL A 95 23.50 -3.54 -0.74
C VAL A 95 23.59 -2.46 -1.83
N ASP A 96 23.92 -2.88 -3.05
CA ASP A 96 23.99 -1.97 -4.19
C ASP A 96 22.60 -1.61 -4.71
N VAL A 97 21.59 -2.34 -4.23
CA VAL A 97 20.22 -2.12 -4.67
C VAL A 97 19.40 -1.46 -3.56
N PRO A 98 18.62 -0.43 -3.91
CA PRO A 98 17.74 0.25 -2.94
C PRO A 98 16.90 -0.75 -2.14
N VAL A 99 16.71 -0.45 -0.85
CA VAL A 99 16.03 -1.38 0.05
C VAL A 99 14.56 -1.61 -0.31
N GLN A 100 13.95 -0.63 -0.97
CA GLN A 100 12.55 -0.74 -1.35
C GLN A 100 12.31 -1.81 -2.41
N ALA A 101 13.37 -2.22 -3.09
CA ALA A 101 13.26 -3.16 -4.19
C ALA A 101 13.65 -4.58 -3.79
N TRP A 102 14.06 -4.74 -2.53
CA TRP A 102 14.53 -6.05 -2.05
C TRP A 102 13.41 -7.09 -2.02
N GLY A 103 12.17 -6.61 -1.94
CA GLY A 103 11.02 -7.50 -1.91
C GLY A 103 10.83 -8.26 -3.22
N TRP A 104 11.32 -7.68 -4.32
CA TRP A 104 11.19 -8.29 -5.63
C TRP A 104 12.15 -9.46 -5.82
N LEU A 105 13.18 -9.50 -4.98
CA LEU A 105 14.17 -10.57 -5.08
C LEU A 105 13.54 -11.93 -4.78
N SER A 106 12.63 -11.96 -3.81
CA SER A 106 11.96 -13.20 -3.44
C SER A 106 10.94 -13.62 -4.48
N LEU A 107 10.28 -12.64 -5.09
CA LEU A 107 9.32 -12.92 -6.15
C LEU A 107 10.04 -13.49 -7.38
N ALA A 108 11.24 -12.96 -7.63
CA ALA A 108 12.04 -13.41 -8.76
C ALA A 108 12.49 -14.85 -8.58
N ALA A 109 12.73 -15.23 -7.33
CA ALA A 109 13.19 -16.58 -7.01
C ALA A 109 12.12 -17.62 -7.33
N GLY A 110 10.88 -17.33 -6.96
CA GLY A 110 9.78 -18.25 -7.19
C GLY A 110 9.50 -18.44 -8.67
N LEU A 111 9.65 -17.35 -9.42
CA LEU A 111 9.46 -17.40 -10.86
C LEU A 111 10.50 -18.30 -11.51
N ALA A 112 11.72 -18.27 -10.99
CA ALA A 112 12.81 -19.09 -11.50
C ALA A 112 12.57 -20.57 -11.19
N VAL A 113 12.13 -20.86 -9.98
CA VAL A 113 11.83 -22.22 -9.57
C VAL A 113 10.72 -22.81 -10.43
N LEU A 114 9.69 -22.00 -10.68
CA LEU A 114 8.55 -22.46 -11.47
C LEU A 114 8.93 -22.73 -12.92
N ASP A 115 9.68 -21.83 -13.53
CA ASP A 115 10.09 -21.98 -14.92
C ASP A 115 10.99 -23.20 -15.11
N SER A 116 11.65 -23.61 -14.03
CA SER A 116 12.59 -24.73 -14.08
C SER A 116 11.89 -26.08 -14.13
N VAL A 117 10.66 -26.14 -13.62
CA VAL A 117 9.96 -27.41 -13.50
C VAL A 117 8.65 -27.46 -14.30
N ALA A 118 8.19 -26.29 -14.76
CA ALA A 118 6.95 -26.20 -15.53
C ALA A 118 6.90 -27.11 -16.78
N PRO A 119 7.98 -27.18 -17.58
CA PRO A 119 7.86 -28.05 -18.76
C PRO A 119 7.76 -29.54 -18.44
N LEU A 120 8.25 -29.96 -17.28
CA LEU A 120 8.26 -31.38 -16.93
C LEU A 120 6.85 -31.94 -16.76
N ILE A 121 5.89 -31.06 -16.48
CA ILE A 121 4.51 -31.47 -16.24
C ILE A 121 3.78 -31.82 -17.55
N VAL A 123 0.66 -32.47 -18.96
CA VAL A 123 0.11 -31.16 -19.26
C VAL A 123 -0.20 -30.39 -17.98
N PRO A 124 -0.03 -29.06 -18.02
CA PRO A 124 -0.29 -28.21 -16.85
C PRO A 124 -1.76 -28.16 -16.47
N PRO A 125 -2.10 -28.67 -15.26
CA PRO A 125 -3.47 -28.64 -14.76
C PRO A 125 -3.87 -27.26 -14.26
N ALA A 126 -5.09 -27.13 -13.73
CA ALA A 126 -5.56 -25.87 -13.18
C ALA A 126 -4.71 -25.45 -11.98
N GLU A 127 -4.66 -24.16 -11.73
CA GLU A 127 -3.89 -23.59 -10.61
C GLU A 127 -2.41 -24.00 -10.66
N THR A 128 -1.74 -23.68 -11.76
CA THR A 128 -0.31 -23.91 -11.89
C THR A 128 0.42 -22.59 -12.15
N GLY A 129 1.00 -22.02 -11.09
CA GLY A 129 1.67 -20.74 -11.20
C GLY A 129 2.23 -20.27 -9.87
N LEU A 130 2.21 -18.96 -9.66
CA LEU A 130 2.75 -18.38 -8.44
C LEU A 130 1.66 -17.74 -7.59
N LYS A 131 1.60 -18.14 -6.32
CA LYS A 131 0.74 -17.46 -5.37
C LYS A 131 1.58 -16.47 -4.57
N TRP A 132 1.09 -15.24 -4.44
CA TRP A 132 1.81 -14.21 -3.71
C TRP A 132 2.02 -14.63 -2.25
N PRO A 133 3.25 -14.46 -1.73
CA PRO A 133 4.42 -13.85 -2.39
C PRO A 133 5.05 -14.71 -3.48
N ASN A 134 5.59 -15.87 -3.12
CA ASN A 134 6.33 -16.69 -4.07
C ASN A 134 6.05 -18.17 -3.95
N ASP A 135 4.86 -18.52 -3.45
CA ASP A 135 4.43 -19.92 -3.41
C ASP A 135 4.30 -20.47 -4.82
N VAL A 136 5.04 -21.53 -5.12
CA VAL A 136 4.88 -22.22 -6.39
C VAL A 136 3.76 -23.24 -6.25
N LEU A 137 2.63 -22.96 -6.89
CA LEU A 137 1.47 -23.84 -6.80
C LEU A 137 1.29 -24.67 -8.06
N ALA A 138 0.80 -25.89 -7.87
CA ALA A 138 0.48 -26.77 -8.99
C ALA A 138 -0.70 -27.66 -8.59
N ARG A 139 -1.80 -27.54 -9.34
CA ARG A 139 -3.03 -28.29 -9.07
C ARG A 139 -3.55 -27.97 -7.65
N GLY A 140 -3.28 -26.75 -7.19
CA GLY A 140 -3.73 -26.31 -5.89
C GLY A 140 -2.74 -26.57 -4.77
N GLY A 141 -1.86 -27.54 -4.98
CA GLY A 141 -0.90 -27.93 -3.97
C GLY A 141 0.37 -27.09 -4.00
N LYS A 142 1.00 -26.95 -2.84
CA LYS A 142 2.23 -26.17 -2.73
C LYS A 142 3.42 -27.00 -3.21
N LEU A 143 3.91 -26.68 -4.41
CA LEU A 143 5.02 -27.42 -5.01
C LEU A 143 6.38 -26.99 -4.46
N ALA A 144 6.49 -25.71 -4.11
CA ALA A 144 7.75 -25.18 -3.59
C ALA A 144 7.53 -23.96 -2.69
N GLY A 145 8.41 -23.79 -1.70
CA GLY A 145 8.36 -22.66 -0.81
C GLY A 145 9.66 -21.89 -0.81
N ILE A 146 9.56 -20.56 -0.71
CA ILE A 146 10.74 -19.69 -0.75
C ILE A 146 10.88 -18.85 0.53
N LEU A 147 12.11 -18.74 1.02
CA LEU A 147 12.38 -17.92 2.20
C LEU A 147 13.58 -17.00 1.99
N ALA A 148 13.36 -15.70 2.11
CA ALA A 148 14.43 -14.72 1.96
C ALA A 148 14.76 -14.07 3.30
N GLU A 149 15.99 -14.24 3.75
CA GLU A 149 16.41 -13.68 5.02
C GLU A 149 17.59 -12.72 4.84
N VAL A 150 17.63 -11.69 5.67
CA VAL A 150 18.59 -10.61 5.51
C VAL A 150 19.82 -10.76 6.40
N ALA A 151 20.99 -10.62 5.80
CA ALA A 151 22.26 -10.57 6.52
C ALA A 151 23.21 -9.66 5.76
N GLN A 152 23.13 -8.37 6.05
CA GLN A 152 23.87 -7.34 5.33
C GLN A 152 25.35 -7.67 5.17
N PRO A 153 25.90 -7.43 3.98
CA PRO A 153 25.21 -6.83 2.83
C PRO A 153 24.53 -7.86 1.91
N PHE A 154 24.14 -9.01 2.46
CA PHE A 154 23.59 -10.08 1.64
C PHE A 154 22.14 -10.40 1.96
N VAL A 155 21.49 -11.09 1.03
CA VAL A 155 20.20 -11.72 1.29
C VAL A 155 20.32 -13.20 0.93
N VAL A 156 19.98 -14.07 1.88
CA VAL A 156 20.03 -15.50 1.64
C VAL A 156 18.69 -16.00 1.09
N LEU A 157 18.70 -16.49 -0.15
CA LEU A 157 17.50 -17.01 -0.77
C LEU A 157 17.40 -18.52 -0.57
N GLY A 158 16.30 -18.96 0.05
CA GLY A 158 16.10 -20.37 0.31
C GLY A 158 14.98 -20.97 -0.54
N VAL A 159 15.23 -22.15 -1.08
CA VAL A 159 14.25 -22.82 -1.91
C VAL A 159 14.02 -24.26 -1.44
N GLY A 160 12.76 -24.60 -1.21
CA GLY A 160 12.37 -25.96 -0.88
C GLY A 160 11.41 -26.47 -1.92
N LEU A 161 11.92 -27.30 -2.83
CA LEU A 161 11.12 -27.81 -3.95
C LEU A 161 10.83 -29.30 -3.79
N ASN A 162 9.55 -29.66 -3.74
CA ASN A 162 9.16 -31.06 -3.61
C ASN A 162 9.28 -31.80 -4.92
N VAL A 163 10.23 -32.73 -4.98
CA VAL A 163 10.47 -33.51 -6.19
C VAL A 163 9.71 -34.84 -6.14
N THR A 164 10.03 -35.66 -5.15
CA THR A 164 9.31 -36.92 -4.95
C THR A 164 8.71 -36.95 -3.55
N GLN A 165 8.72 -35.80 -2.89
CA GLN A 165 8.21 -35.69 -1.53
C GLN A 165 6.71 -35.96 -1.44
N ALA A 166 6.34 -36.96 -0.66
CA ALA A 166 4.93 -37.29 -0.47
C ALA A 166 4.27 -36.29 0.48
N PRO A 167 3.09 -35.78 0.09
CA PRO A 167 2.33 -34.82 0.90
C PRO A 167 2.03 -35.35 2.30
N GLU A 168 1.91 -36.67 2.45
CA GLU A 168 1.64 -37.27 3.74
C GLU A 168 2.85 -37.18 4.67
N GLU A 169 4.02 -36.91 4.09
CA GLU A 169 5.25 -36.85 4.85
C GLU A 169 5.60 -35.44 5.30
N VAL A 170 4.90 -34.44 4.78
CA VAL A 170 5.27 -33.06 5.05
C VAL A 170 4.10 -32.13 5.38
N ASP A 171 3.06 -32.13 4.54
CA ASP A 171 1.94 -31.19 4.68
C ASP A 171 0.77 -31.58 3.79
N PRO A 172 -0.46 -31.50 4.34
CA PRO A 172 -1.67 -31.89 3.60
C PRO A 172 -1.95 -31.00 2.39
N ASP A 173 -1.36 -29.81 2.33
CA ASP A 173 -1.58 -28.91 1.21
C ASP A 173 -0.42 -28.96 0.22
N ALA A 174 0.48 -29.91 0.41
CA ALA A 174 1.68 -29.99 -0.43
C ALA A 174 1.49 -30.92 -1.63
N THR A 175 2.27 -30.67 -2.68
CA THR A 175 2.33 -31.56 -3.82
C THR A 175 3.79 -31.68 -4.27
N SER A 176 4.06 -32.62 -5.16
CA SER A 176 5.40 -32.81 -5.70
C SER A 176 5.33 -33.10 -7.19
N LEU A 177 6.47 -33.09 -7.85
CA LEU A 177 6.54 -33.40 -9.27
C LEU A 177 6.02 -34.81 -9.53
N LEU A 178 6.35 -35.73 -8.62
CA LEU A 178 5.91 -37.12 -8.73
C LEU A 178 4.38 -37.23 -8.61
N ASP A 179 3.81 -36.45 -7.70
CA ASP A 179 2.37 -36.45 -7.48
C ASP A 179 1.63 -35.68 -8.58
N LEU A 180 2.39 -35.03 -9.45
CA LEU A 180 1.81 -34.27 -10.56
C LEU A 180 1.87 -35.05 -11.87
N GLY A 181 2.62 -36.14 -11.88
CA GLY A 181 2.71 -36.99 -13.05
C GLY A 181 4.12 -37.25 -13.55
N VAL A 182 5.09 -36.49 -13.06
CA VAL A 182 6.48 -36.68 -13.46
C VAL A 182 6.99 -38.00 -12.88
N ALA A 183 7.24 -38.97 -13.74
CA ALA A 183 7.55 -40.33 -13.33
C ALA A 183 8.93 -40.46 -12.69
N ALA A 184 9.97 -40.11 -13.44
CA ALA A 184 11.33 -40.24 -12.95
C ALA A 184 12.06 -38.90 -13.01
N PRO A 185 11.77 -38.01 -12.05
CA PRO A 185 12.38 -36.68 -12.02
C PRO A 185 13.86 -36.75 -11.64
N ASP A 186 14.71 -36.13 -12.47
CA ASP A 186 16.14 -36.10 -12.21
C ASP A 186 16.51 -34.82 -11.47
N ARG A 187 16.79 -34.95 -10.18
CA ARG A 187 17.09 -33.79 -9.35
C ARG A 187 18.35 -33.06 -9.81
N ASN A 188 19.28 -33.79 -10.42
CA ASN A 188 20.49 -33.17 -10.94
C ASN A 188 20.19 -32.27 -12.13
N ARG A 189 19.29 -32.72 -13.01
CA ARG A 189 18.86 -31.91 -14.13
C ARG A 189 18.07 -30.70 -13.66
N ILE A 190 17.15 -30.93 -12.73
CA ILE A 190 16.25 -29.88 -12.24
C ILE A 190 17.01 -28.81 -11.45
N ALA A 191 17.92 -29.23 -10.59
CA ALA A 191 18.71 -28.29 -9.81
C ALA A 191 19.57 -27.42 -10.73
N SER A 192 20.08 -28.03 -11.79
CA SER A 192 20.90 -27.31 -12.76
C SER A 192 20.08 -26.22 -13.46
N ARG A 193 18.90 -26.58 -13.92
CA ARG A 193 18.03 -25.62 -14.59
C ARG A 193 17.51 -24.58 -13.62
N LEU A 194 17.29 -24.97 -12.38
CA LEU A 194 16.82 -24.06 -11.35
C LEU A 194 17.82 -22.92 -11.12
N LEU A 195 19.06 -23.29 -10.83
CA LEU A 195 20.10 -22.32 -10.53
C LEU A 195 20.45 -21.46 -11.75
N ARG A 196 20.20 -21.99 -12.95
CA ARG A 196 20.44 -21.23 -14.18
C ARG A 196 19.32 -20.22 -14.40
N GLU A 197 18.09 -20.62 -14.11
CA GLU A 197 16.96 -19.70 -14.17
C GLU A 197 17.10 -18.64 -13.07
N LEU A 198 17.56 -19.08 -11.90
CA LEU A 198 17.73 -18.20 -10.76
C LEU A 198 18.77 -17.12 -11.03
N GLU A 199 19.88 -17.51 -11.67
CA GLU A 199 20.93 -16.57 -12.03
C GLU A 199 20.40 -15.44 -12.91
N ALA A 200 19.60 -15.82 -13.91
CA ALA A 200 19.06 -14.83 -14.84
C ALA A 200 18.09 -13.87 -14.14
N ARG A 201 17.25 -14.41 -13.27
CA ARG A 201 16.25 -13.60 -12.58
C ARG A 201 16.89 -12.62 -11.59
N ILE A 202 17.97 -13.06 -10.93
CA ILE A 202 18.69 -12.20 -9.99
C ILE A 202 19.32 -11.03 -10.73
N ILE A 203 19.89 -11.31 -11.89
CA ILE A 203 20.49 -10.27 -12.72
C ILE A 203 19.44 -9.27 -13.17
N GLN A 204 18.27 -9.77 -13.57
CA GLN A 204 17.15 -8.92 -13.96
C GLN A 204 16.69 -8.04 -12.79
N TRP A 205 16.67 -8.61 -11.59
CA TRP A 205 16.29 -7.86 -10.40
C TRP A 205 17.29 -6.78 -10.08
N ARG A 206 18.56 -7.11 -10.19
CA ARG A 206 19.65 -6.19 -9.87
C ARG A 206 19.66 -4.98 -10.81
N ASN A 207 19.18 -5.19 -12.03
CA ASN A 207 19.16 -4.14 -13.04
C ASN A 207 17.76 -3.58 -13.28
N ALA A 208 16.83 -3.93 -12.40
CA ALA A 208 15.45 -3.44 -12.47
C ALA A 208 14.81 -3.68 -13.83
N ASN A 209 15.05 -4.87 -14.38
CA ASN A 209 14.50 -5.23 -15.68
C ASN A 209 12.98 -5.38 -15.62
N PRO A 210 12.26 -4.57 -16.41
CA PRO A 210 10.79 -4.58 -16.46
C PRO A 210 10.20 -5.96 -16.75
N GLN A 211 10.95 -6.80 -17.46
CA GLN A 211 10.46 -8.12 -17.85
C GLN A 211 10.21 -9.01 -16.64
N LEU A 212 10.93 -8.73 -15.55
CA LEU A 212 10.76 -9.49 -14.31
C LEU A 212 9.33 -9.37 -13.79
N ALA A 213 8.86 -8.15 -13.66
CA ALA A 213 7.49 -7.89 -13.19
C ALA A 213 6.47 -8.40 -14.21
N ALA A 214 6.80 -8.29 -15.49
CA ALA A 214 5.91 -8.73 -16.56
C ALA A 214 5.73 -10.24 -16.54
N ASP A 215 6.83 -10.97 -16.38
CA ASP A 215 6.79 -12.42 -16.35
C ASP A 215 6.09 -12.95 -15.09
N TYR A 216 6.20 -12.19 -13.99
CA TYR A 216 5.55 -12.58 -12.75
C TYR A 216 4.04 -12.49 -12.88
N ARG A 217 3.56 -11.38 -13.45
CA ARG A 217 2.13 -11.18 -13.65
C ARG A 217 1.54 -12.25 -14.56
N ALA A 218 2.34 -12.69 -15.53
CA ALA A 218 1.88 -13.67 -16.50
C ALA A 218 1.79 -15.07 -15.91
N ARG A 219 2.37 -15.24 -14.72
CA ARG A 219 2.39 -16.54 -14.07
CA ARG A 219 2.40 -16.53 -14.07
C ARG A 219 1.73 -16.49 -12.69
N SER A 220 1.11 -15.36 -12.37
CA SER A 220 0.47 -15.18 -11.07
C SER A 220 -0.90 -15.84 -11.00
N LEU A 221 -1.11 -16.61 -9.94
CA LEU A 221 -2.41 -17.23 -9.69
C LEU A 221 -3.25 -16.37 -8.76
N THR A 222 -2.63 -15.37 -8.15
CA THR A 222 -3.28 -14.53 -7.16
C THR A 222 -3.96 -13.32 -7.79
N ILE A 223 -3.27 -12.69 -8.74
CA ILE A 223 -3.77 -11.50 -9.41
C ILE A 223 -5.07 -11.78 -10.16
N GLY A 224 -6.13 -11.05 -9.81
CA GLY A 224 -7.42 -11.21 -10.45
C GLY A 224 -8.32 -12.19 -9.72
N SER A 225 -7.85 -12.72 -8.60
CA SER A 225 -8.62 -13.68 -7.83
C SER A 225 -9.11 -13.06 -6.52
N ARG A 226 -10.27 -13.48 -6.06
CA ARG A 226 -10.77 -13.06 -4.76
C ARG A 226 -10.01 -13.83 -3.70
N VAL A 227 -9.42 -13.12 -2.74
CA VAL A 227 -8.57 -13.75 -1.75
C VAL A 227 -8.88 -13.34 -0.32
N ARG A 228 -8.44 -14.17 0.63
CA ARG A 228 -8.39 -13.77 2.02
C ARG A 228 -6.93 -13.75 2.45
N VAL A 229 -6.44 -12.57 2.80
CA VAL A 229 -5.04 -12.43 3.21
C VAL A 229 -4.92 -12.38 4.72
N GLU A 230 -4.19 -13.35 5.26
CA GLU A 230 -3.97 -13.43 6.70
C GLU A 230 -2.69 -12.68 7.07
N LEU A 231 -2.87 -11.50 7.66
CA LEU A 231 -1.76 -10.61 7.97
C LEU A 231 -1.00 -11.06 9.21
N PRO A 232 0.29 -10.69 9.31
CA PRO A 232 1.03 -10.86 10.56
C PRO A 232 0.32 -10.15 11.70
N GLY A 233 0.01 -10.88 12.77
CA GLY A 233 -0.76 -10.32 13.87
C GLY A 233 -2.12 -10.98 13.99
N GLY A 234 -2.51 -11.72 12.95
CA GLY A 234 -3.71 -12.52 13.01
C GLY A 234 -4.98 -11.89 12.45
N GLN A 235 -4.83 -10.79 11.72
CA GLN A 235 -5.98 -10.14 11.11
C GLN A 235 -6.22 -10.64 9.69
N ASP A 236 -7.48 -10.74 9.30
CA ASP A 236 -7.85 -11.18 7.96
C ASP A 236 -8.39 -10.03 7.13
N VAL A 237 -8.02 -10.02 5.85
CA VAL A 237 -8.54 -9.03 4.91
C VAL A 237 -9.04 -9.72 3.65
N VAL A 238 -10.31 -9.53 3.33
CA VAL A 238 -10.91 -10.15 2.15
C VAL A 238 -11.09 -9.12 1.05
N GLY A 239 -10.72 -9.49 -0.18
CA GLY A 239 -10.87 -8.61 -1.32
C GLY A 239 -10.46 -9.30 -2.60
N ILE A 240 -10.11 -8.50 -3.60
CA ILE A 240 -9.66 -9.03 -4.88
C ILE A 240 -8.27 -8.50 -5.20
N ALA A 241 -7.33 -9.41 -5.39
CA ALA A 241 -5.97 -9.03 -5.76
C ALA A 241 -5.95 -8.45 -7.17
N ARG A 242 -5.34 -7.27 -7.32
CA ARG A 242 -5.34 -6.58 -8.60
C ARG A 242 -3.96 -6.52 -9.25
N ASP A 243 -2.94 -6.22 -8.46
CA ASP A 243 -1.61 -6.00 -9.01
C ASP A 243 -0.50 -6.08 -7.96
N ILE A 244 0.74 -6.13 -8.43
CA ILE A 244 1.91 -6.03 -7.59
C ILE A 244 2.57 -4.68 -7.82
N ASP A 245 2.93 -3.98 -6.75
CA ASP A 245 3.53 -2.65 -6.88
C ASP A 245 5.05 -2.77 -7.10
N ASP A 246 5.74 -1.63 -7.10
CA ASP A 246 7.17 -1.59 -7.39
C ASP A 246 8.02 -2.14 -6.25
N GLN A 247 7.41 -2.36 -5.09
CA GLN A 247 8.13 -2.90 -3.94
C GLN A 247 7.87 -4.40 -3.76
N GLY A 248 7.08 -4.97 -4.66
CA GLY A 248 6.76 -6.38 -4.60
C GLY A 248 5.64 -6.70 -3.63
N ARG A 249 4.85 -5.68 -3.28
CA ARG A 249 3.75 -5.85 -2.35
C ARG A 249 2.43 -6.08 -3.08
N LEU A 250 1.55 -6.87 -2.48
CA LEU A 250 0.28 -7.21 -3.09
C LEU A 250 -0.74 -6.09 -2.91
N CYS A 251 -1.35 -5.67 -4.02
CA CYS A 251 -2.36 -4.61 -4.00
C CYS A 251 -3.76 -5.20 -4.05
N LEU A 252 -4.54 -4.97 -3.00
CA LEU A 252 -5.87 -5.56 -2.89
C LEU A 252 -6.98 -4.54 -3.18
N ASP A 253 -8.05 -5.03 -3.80
CA ASP A 253 -9.26 -4.24 -3.96
C ASP A 253 -10.28 -4.66 -2.92
N VAL A 254 -10.47 -3.83 -1.90
CA VAL A 254 -11.44 -4.13 -0.85
C VAL A 254 -12.64 -3.19 -0.94
N GLY A 255 -13.63 -3.60 -1.74
CA GLY A 255 -14.84 -2.83 -1.92
C GLY A 255 -14.58 -1.42 -2.44
N GLY A 256 -13.65 -1.28 -3.36
CA GLY A 256 -13.33 0.01 -3.95
C GLY A 256 -12.11 0.67 -3.35
N ARG A 257 -11.72 0.22 -2.15
CA ARG A 257 -10.55 0.76 -1.49
C ARG A 257 -9.31 -0.07 -1.82
N THR A 258 -8.16 0.59 -1.90
CA THR A 258 -6.91 -0.10 -2.22
C THR A 258 -6.11 -0.40 -0.95
N VAL A 259 -5.88 -1.68 -0.70
CA VAL A 259 -5.09 -2.11 0.46
C VAL A 259 -3.81 -2.80 0.01
N VAL A 260 -2.67 -2.18 0.31
CA VAL A 260 -1.38 -2.73 -0.07
C VAL A 260 -0.78 -3.57 1.06
N VAL A 261 -0.45 -4.82 0.76
CA VAL A 261 0.06 -5.73 1.77
C VAL A 261 1.50 -6.14 1.47
N SER A 262 2.38 -5.93 2.43
CA SER A 262 3.80 -6.24 2.25
C SER A 262 4.12 -7.69 2.63
N ALA A 263 3.32 -8.26 3.52
CA ALA A 263 3.53 -9.63 3.96
C ALA A 263 2.23 -10.25 4.47
N GLY A 264 2.08 -11.56 4.26
CA GLY A 264 0.91 -12.27 4.72
C GLY A 264 0.65 -13.55 3.95
N ASP A 265 -0.24 -14.38 4.46
CA ASP A 265 -0.59 -15.63 3.80
C ASP A 265 -1.83 -15.46 2.93
N VAL A 266 -1.73 -15.85 1.67
CA VAL A 266 -2.82 -15.67 0.72
C VAL A 266 -3.62 -16.96 0.52
N VAL A 267 -4.94 -16.85 0.64
CA VAL A 267 -5.84 -17.95 0.34
C VAL A 267 -6.75 -17.58 -0.82
N HIS A 268 -6.67 -18.33 -1.91
CA HIS A 268 -7.53 -18.11 -3.07
C HIS A 268 -8.95 -18.61 -2.78
N LEU A 269 -9.91 -17.70 -2.87
CA LEU A 269 -11.29 -18.01 -2.47
C LEU A 269 -12.16 -18.46 -3.64
N ARG A 270 -13.36 -18.94 -3.30
CA ARG A 270 -14.34 -19.39 -4.28
C ARG A 270 -14.72 -18.26 -5.24
N ASP B 7 -30.07 32.69 20.86
CA ASP B 7 -30.42 32.32 19.49
C ASP B 7 -29.15 32.06 18.67
N ARG B 8 -29.30 31.33 17.57
CA ARG B 8 -28.19 31.03 16.68
C ARG B 8 -28.23 31.92 15.44
N ASP B 9 -29.43 32.31 15.02
CA ASP B 9 -29.61 33.12 13.81
C ASP B 9 -29.06 34.54 13.98
N ARG B 10 -29.01 35.01 15.21
CA ARG B 10 -28.53 36.37 15.47
C ARG B 10 -27.02 36.46 15.23
N LEU B 11 -26.35 35.31 15.27
CA LEU B 11 -24.92 35.25 14.99
C LEU B 11 -24.64 34.72 13.60
N ARG B 12 -25.62 34.82 12.71
CA ARG B 12 -25.46 34.33 11.34
C ARG B 12 -25.85 35.36 10.28
N PRO B 13 -25.07 36.44 10.14
CA PRO B 13 -25.33 37.39 9.05
C PRO B 13 -24.84 36.82 7.71
N PRO B 14 -25.46 37.23 6.60
CA PRO B 14 -25.05 36.74 5.28
C PRO B 14 -23.64 37.18 4.90
N LEU B 15 -23.05 36.50 3.92
CA LEU B 15 -21.70 36.83 3.48
C LEU B 15 -21.69 38.05 2.58
N ASP B 16 -20.62 38.84 2.67
CA ASP B 16 -20.43 39.99 1.80
C ASP B 16 -19.59 39.59 0.60
N GLU B 17 -20.26 39.24 -0.50
CA GLU B 17 -19.59 38.83 -1.72
C GLU B 17 -18.69 39.95 -2.26
N ARG B 18 -19.18 41.18 -2.17
CA ARG B 18 -18.44 42.33 -2.66
C ARG B 18 -17.13 42.53 -1.89
N SER B 19 -17.20 42.41 -0.57
CA SER B 19 -16.04 42.60 0.28
C SER B 19 -14.98 41.51 0.05
N LEU B 20 -15.44 40.27 -0.13
CA LEU B 20 -14.53 39.16 -0.36
C LEU B 20 -13.78 39.31 -1.68
N ARG B 21 -14.48 39.79 -2.70
CA ARG B 21 -13.87 40.01 -4.01
C ARG B 21 -12.76 41.05 -3.95
N ASP B 22 -13.06 42.20 -3.34
CA ASP B 22 -12.09 43.29 -3.22
C ASP B 22 -10.84 42.85 -2.48
N GLN B 23 -11.02 42.02 -1.46
CA GLN B 23 -9.92 41.57 -0.62
C GLN B 23 -9.07 40.50 -1.29
N LEU B 24 -9.71 39.61 -2.04
CA LEU B 24 -9.05 38.40 -2.51
C LEU B 24 -8.78 38.36 -4.01
N ILE B 25 -9.80 38.67 -4.80
CA ILE B 25 -9.75 38.43 -6.25
C ILE B 25 -8.86 39.43 -6.97
N GLY B 26 -7.69 38.96 -7.40
CA GLY B 26 -6.73 39.79 -8.08
C GLY B 26 -5.99 40.74 -7.14
N ALA B 27 -6.23 40.58 -5.85
CA ALA B 27 -5.64 41.47 -4.85
C ALA B 27 -4.79 40.70 -3.84
N GLY B 28 -5.43 40.28 -2.75
CA GLY B 28 -4.75 39.58 -1.68
C GLY B 28 -4.56 38.09 -1.93
N SER B 29 -4.98 37.62 -3.10
CA SER B 29 -4.82 36.22 -3.47
C SER B 29 -4.72 36.06 -4.98
N GLY B 30 -4.42 34.84 -5.41
CA GLY B 30 -4.33 34.53 -6.83
C GLY B 30 -5.63 33.98 -7.40
N TRP B 31 -6.66 33.88 -6.56
CA TRP B 31 -7.98 33.47 -7.03
C TRP B 31 -8.53 34.49 -8.00
N ARG B 32 -9.04 34.02 -9.14
CA ARG B 32 -9.42 34.93 -10.23
C ARG B 32 -10.92 35.14 -10.35
N GLN B 33 -11.70 34.41 -9.56
CA GLN B 33 -13.15 34.58 -9.58
C GLN B 33 -13.79 34.06 -8.30
N LEU B 34 -14.70 34.86 -7.73
CA LEU B 34 -15.41 34.47 -6.53
C LEU B 34 -16.90 34.78 -6.66
N ASP B 35 -17.73 33.80 -6.32
CA ASP B 35 -19.18 33.98 -6.36
C ASP B 35 -19.83 33.39 -5.12
N VAL B 36 -20.77 34.14 -4.53
CA VAL B 36 -21.53 33.68 -3.39
C VAL B 36 -22.99 33.45 -3.79
N VAL B 37 -23.49 32.24 -3.55
CA VAL B 37 -24.88 31.92 -3.84
C VAL B 37 -25.64 31.64 -2.55
N ALA B 38 -26.95 31.90 -2.57
CA ALA B 38 -27.78 31.71 -1.39
C ALA B 38 -28.06 30.25 -1.14
N GLN B 39 -28.21 29.49 -2.22
CA GLN B 39 -28.58 28.08 -2.12
C GLN B 39 -28.20 27.30 -3.38
N THR B 40 -27.75 26.07 -3.19
CA THR B 40 -27.43 25.16 -4.30
C THR B 40 -27.43 23.72 -3.79
N GLY B 41 -27.41 22.76 -4.70
CA GLY B 41 -27.33 21.37 -4.33
C GLY B 41 -25.97 21.04 -3.74
N SER B 42 -24.92 21.28 -4.53
CA SER B 42 -23.56 21.02 -4.10
C SER B 42 -22.58 21.95 -4.82
N THR B 43 -21.78 22.68 -4.06
CA THR B 43 -20.79 23.57 -4.65
C THR B 43 -19.78 22.78 -5.47
N ASN B 44 -19.45 21.58 -5.00
CA ASN B 44 -18.58 20.67 -5.75
C ASN B 44 -19.21 20.30 -7.09
N ALA B 45 -20.49 19.94 -7.07
CA ALA B 45 -21.20 19.54 -8.27
C ALA B 45 -21.24 20.67 -9.29
N ASP B 46 -21.50 21.89 -8.81
CA ASP B 46 -21.62 23.06 -9.67
C ASP B 46 -20.32 23.37 -10.42
N LEU B 47 -19.19 23.31 -9.70
CA LEU B 47 -17.90 23.56 -10.32
C LEU B 47 -17.53 22.42 -11.29
N LEU B 48 -17.88 21.20 -10.91
CA LEU B 48 -17.67 20.05 -11.78
C LEU B 48 -18.52 20.20 -13.05
N ALA B 49 -19.72 20.76 -12.89
CA ALA B 49 -20.62 20.98 -14.01
C ALA B 49 -20.07 22.03 -14.97
N ARG B 50 -19.50 23.10 -14.42
CA ARG B 50 -18.90 24.15 -15.23
C ARG B 50 -17.75 23.61 -16.08
N ALA B 51 -16.87 22.85 -15.43
CA ALA B 51 -15.71 22.29 -16.11
C ALA B 51 -16.14 21.31 -17.20
N ALA B 52 -17.18 20.55 -16.93
CA ALA B 52 -17.70 19.59 -17.90
C ALA B 52 -18.29 20.29 -19.11
N SER B 53 -18.72 21.53 -18.91
CA SER B 53 -19.31 22.32 -19.99
C SER B 53 -18.24 23.03 -20.81
N GLY B 54 -16.99 22.88 -20.41
CA GLY B 54 -15.88 23.45 -21.16
C GLY B 54 -15.28 24.70 -20.54
N ALA B 55 -15.76 25.06 -19.35
CA ALA B 55 -15.26 26.25 -18.66
C ALA B 55 -14.02 25.94 -17.83
N ASP B 56 -13.05 26.84 -17.85
CA ASP B 56 -11.86 26.71 -17.01
C ASP B 56 -12.18 27.14 -15.59
N ILE B 57 -12.04 26.21 -14.64
CA ILE B 57 -12.39 26.50 -13.26
C ILE B 57 -11.17 26.73 -12.37
N ASP B 58 -9.97 26.73 -12.95
CA ASP B 58 -8.76 26.96 -12.18
C ASP B 58 -8.76 28.37 -11.60
N GLY B 59 -8.67 28.47 -10.28
CA GLY B 59 -8.66 29.75 -9.60
C GLY B 59 -10.05 30.27 -9.33
N VAL B 60 -11.06 29.45 -9.60
CA VAL B 60 -12.45 29.86 -9.43
C VAL B 60 -12.98 29.44 -8.07
N VAL B 61 -13.62 30.36 -7.37
CA VAL B 61 -14.17 30.10 -6.04
C VAL B 61 -15.69 30.22 -6.04
N LEU B 62 -16.35 29.22 -5.46
CA LEU B 62 -17.80 29.25 -5.31
C LEU B 62 -18.20 28.98 -3.87
N ILE B 63 -18.90 29.94 -3.26
CA ILE B 63 -19.34 29.80 -1.88
C ILE B 63 -20.87 29.81 -1.79
N ALA B 64 -21.42 28.94 -0.96
CA ALA B 64 -22.86 28.87 -0.80
C ALA B 64 -23.29 29.12 0.64
N GLU B 65 -24.35 29.89 0.81
CA GLU B 65 -24.90 30.16 2.13
C GLU B 65 -25.57 28.91 2.68
N HIS B 66 -26.10 28.08 1.77
CA HIS B 66 -26.75 26.85 2.15
C HIS B 66 -26.55 25.77 1.09
N GLN B 67 -26.46 24.52 1.54
CA GLN B 67 -26.26 23.38 0.65
C GLN B 67 -27.27 22.29 0.99
N THR B 68 -28.07 21.89 0.00
CA THR B 68 -29.15 20.94 0.23
C THR B 68 -28.75 19.50 -0.09
N ALA B 69 -28.00 19.32 -1.17
CA ALA B 69 -27.56 17.99 -1.58
C ALA B 69 -26.06 17.84 -1.40
N GLY B 70 -25.59 18.05 -0.17
CA GLY B 70 -24.17 18.00 0.14
C GLY B 70 -23.52 16.67 -0.17
N ARG B 71 -22.25 16.71 -0.58
CA ARG B 71 -21.50 15.50 -0.89
C ARG B 71 -20.41 15.24 0.14
N GLY B 72 -20.45 14.05 0.74
CA GLY B 72 -19.38 13.57 1.58
C GLY B 72 -18.56 12.58 0.78
N ARG B 73 -17.54 11.98 1.38
CA ARG B 73 -16.72 11.03 0.66
C ARG B 73 -17.31 9.63 0.74
N HIS B 74 -16.95 8.79 -0.24
CA HIS B 74 -17.39 7.40 -0.28
C HIS B 74 -18.91 7.25 -0.33
N GLY B 75 -19.56 8.14 -1.08
CA GLY B 75 -20.98 8.06 -1.29
C GLY B 75 -21.82 8.72 -0.22
N ARG B 76 -21.18 9.11 0.87
CA ARG B 76 -21.88 9.77 1.97
C ARG B 76 -22.20 11.22 1.60
N GLY B 77 -22.96 11.89 2.47
CA GLY B 77 -23.38 13.25 2.21
C GLY B 77 -22.81 14.26 3.20
N TRP B 78 -23.33 15.47 3.15
CA TRP B 78 -22.90 16.53 4.06
C TRP B 78 -24.07 17.46 4.40
N ALA B 79 -24.37 17.56 5.68
CA ALA B 79 -25.50 18.37 6.13
C ALA B 79 -25.08 19.77 6.52
N ALA B 80 -26.01 20.72 6.43
CA ALA B 80 -25.76 22.11 6.80
C ALA B 80 -27.06 22.88 6.90
N THR B 81 -27.06 23.93 7.73
CA THR B 81 -28.15 24.89 7.77
C THR B 81 -27.64 26.22 7.24
N ALA B 82 -28.55 27.07 6.79
CA ALA B 82 -28.20 28.33 6.12
C ALA B 82 -27.34 29.24 7.00
N ARG B 83 -26.26 29.77 6.41
CA ARG B 83 -25.40 30.75 7.05
C ARG B 83 -24.72 30.26 8.32
N ALA B 84 -24.70 28.95 8.53
CA ALA B 84 -24.10 28.38 9.73
C ALA B 84 -22.69 27.88 9.48
N GLN B 85 -22.39 27.62 8.21
CA GLN B 85 -21.07 27.12 7.83
C GLN B 85 -20.43 27.98 6.75
N ILE B 86 -19.12 27.81 6.59
CA ILE B 86 -18.45 28.31 5.39
C ILE B 86 -18.39 27.16 4.39
N ILE B 87 -19.24 27.25 3.37
CA ILE B 87 -19.40 26.18 2.40
C ILE B 87 -18.86 26.62 1.04
N LEU B 88 -17.67 26.14 0.69
CA LEU B 88 -17.05 26.57 -0.56
C LEU B 88 -16.38 25.45 -1.33
N SER B 89 -16.19 25.68 -2.63
CA SER B 89 -15.41 24.81 -3.49
C SER B 89 -14.49 25.65 -4.37
N VAL B 90 -13.32 25.12 -4.68
CA VAL B 90 -12.38 25.80 -5.56
C VAL B 90 -11.87 24.87 -6.66
N GLY B 91 -11.53 25.44 -7.81
CA GLY B 91 -11.01 24.66 -8.91
C GLY B 91 -9.50 24.77 -9.04
N VAL B 92 -8.84 23.64 -9.23
CA VAL B 92 -7.39 23.61 -9.33
C VAL B 92 -6.93 22.78 -10.53
N ARG B 93 -6.12 23.38 -11.40
CA ARG B 93 -5.51 22.64 -12.50
C ARG B 93 -4.38 21.77 -11.95
N VAL B 94 -4.40 20.48 -12.28
CA VAL B 94 -3.49 19.52 -11.67
C VAL B 94 -2.68 18.66 -12.63
N VAL B 95 -2.88 18.85 -13.94
CA VAL B 95 -2.19 18.00 -14.92
C VAL B 95 -0.68 18.24 -14.98
N ASP B 96 -0.25 19.38 -14.45
CA ASP B 96 1.17 19.69 -14.39
C ASP B 96 1.85 18.87 -13.30
N VAL B 97 1.07 18.40 -12.34
CA VAL B 97 1.57 17.62 -11.21
C VAL B 97 1.32 16.13 -11.43
N PRO B 98 2.36 15.30 -11.18
CA PRO B 98 2.24 13.84 -11.26
C PRO B 98 0.99 13.30 -10.58
N VAL B 99 0.31 12.38 -11.23
CA VAL B 99 -1.01 11.90 -10.79
C VAL B 99 -0.97 11.26 -9.40
N GLN B 100 0.19 10.73 -9.02
CA GLN B 100 0.31 10.04 -7.74
C GLN B 100 0.17 11.00 -6.56
N ALA B 101 0.52 12.26 -6.77
CA ALA B 101 0.53 13.24 -5.68
C ALA B 101 -0.79 13.99 -5.56
N TRP B 102 -1.79 13.59 -6.36
CA TRP B 102 -3.08 14.26 -6.35
C TRP B 102 -3.84 14.04 -5.05
N GLY B 103 -3.55 12.94 -4.37
CA GLY B 103 -4.21 12.61 -3.12
C GLY B 103 -3.83 13.53 -1.97
N TRP B 104 -2.70 14.21 -2.12
CA TRP B 104 -2.20 15.12 -1.09
C TRP B 104 -2.92 16.47 -1.09
N LEU B 105 -3.68 16.72 -2.14
CA LEU B 105 -4.37 17.99 -2.29
C LEU B 105 -5.46 18.15 -1.22
N SER B 106 -6.16 17.07 -0.93
CA SER B 106 -7.17 17.07 0.12
C SER B 106 -6.52 17.27 1.48
N LEU B 107 -5.37 16.65 1.68
CA LEU B 107 -4.62 16.79 2.93
C LEU B 107 -4.14 18.22 3.10
N ALA B 108 -3.74 18.85 2.00
CA ALA B 108 -3.28 20.23 2.01
C ALA B 108 -4.42 21.17 2.39
N ALA B 109 -5.63 20.83 1.95
CA ALA B 109 -6.80 21.65 2.23
C ALA B 109 -7.19 21.60 3.70
N GLY B 110 -7.07 20.42 4.30
CA GLY B 110 -7.37 20.25 5.71
C GLY B 110 -6.41 21.03 6.57
N LEU B 111 -5.16 21.10 6.13
CA LEU B 111 -4.13 21.83 6.84
C LEU B 111 -4.41 23.33 6.80
N ALA B 112 -4.94 23.79 5.67
CA ALA B 112 -5.26 25.21 5.48
C ALA B 112 -6.43 25.63 6.37
N VAL B 113 -7.41 24.74 6.51
CA VAL B 113 -8.55 24.99 7.38
C VAL B 113 -8.10 25.11 8.83
N LEU B 114 -7.22 24.20 9.24
CA LEU B 114 -6.70 24.19 10.61
C LEU B 114 -5.94 25.48 10.93
N ASP B 115 -5.11 25.91 9.99
CA ASP B 115 -4.33 27.13 10.16
C ASP B 115 -5.20 28.37 10.15
N SER B 116 -6.37 28.28 9.51
CA SER B 116 -7.27 29.42 9.38
C SER B 116 -8.05 29.68 10.65
N VAL B 117 -8.20 28.65 11.49
CA VAL B 117 -8.98 28.78 12.71
C VAL B 117 -8.12 28.61 13.95
N ALA B 118 -6.83 28.32 13.75
CA ALA B 118 -5.91 28.09 14.87
C ALA B 118 -5.77 29.31 15.80
N PRO B 119 -5.53 30.51 15.24
CA PRO B 119 -5.42 31.63 16.19
C PRO B 119 -6.78 32.23 16.57
N LEU B 120 -7.79 31.38 16.72
CA LEU B 120 -9.13 31.83 17.07
C LEU B 120 -9.69 31.08 18.27
N ILE B 121 -9.23 29.83 18.44
CA ILE B 121 -9.77 28.96 19.47
C ILE B 121 -8.90 28.93 20.72
N ALA B 122 -9.51 28.51 21.83
CA ALA B 122 -8.80 28.42 23.11
C ALA B 122 -8.52 26.97 23.49
N VAL B 123 -7.93 26.23 22.56
CA VAL B 123 -7.57 24.84 22.78
C VAL B 123 -6.09 24.64 22.39
N PRO B 124 -5.29 24.11 23.32
CA PRO B 124 -3.82 23.98 23.25
C PRO B 124 -3.32 23.50 21.89
N GLU B 127 -8.44 17.06 21.32
CA GLU B 127 -7.50 18.11 20.98
C GLU B 127 -7.62 18.43 19.48
N THR B 128 -6.99 19.51 19.02
CA THR B 128 -7.11 19.94 17.63
C THR B 128 -6.03 19.34 16.75
N GLY B 129 -6.34 19.17 15.47
CA GLY B 129 -5.40 18.59 14.52
C GLY B 129 -6.12 17.94 13.36
N LEU B 130 -5.40 17.15 12.58
CA LEU B 130 -5.97 16.53 11.39
C LEU B 130 -6.13 15.02 11.52
N LYS B 131 -7.35 14.53 11.34
CA LYS B 131 -7.59 13.10 11.28
C LYS B 131 -7.66 12.65 9.83
N TRP B 132 -6.80 11.70 9.48
CA TRP B 132 -6.73 11.18 8.12
C TRP B 132 -8.05 10.48 7.73
N PRO B 133 -8.53 10.73 6.51
CA PRO B 133 -7.96 11.68 5.55
C PRO B 133 -8.80 12.93 5.31
N ASN B 134 -10.03 12.98 5.83
CA ASN B 134 -10.97 14.04 5.48
C ASN B 134 -11.29 15.02 6.60
N ASP B 135 -10.78 14.78 7.80
CA ASP B 135 -11.28 15.47 8.99
C ASP B 135 -10.35 16.52 9.59
N VAL B 136 -10.96 17.60 10.05
CA VAL B 136 -10.29 18.57 10.91
C VAL B 136 -10.96 18.53 12.28
N LEU B 137 -10.22 18.06 13.28
CA LEU B 137 -10.80 17.85 14.61
C LEU B 137 -10.44 18.94 15.60
N ALA B 138 -11.29 19.09 16.61
CA ALA B 138 -11.06 19.99 17.73
C ALA B 138 -11.86 19.51 18.93
N ARG B 139 -11.16 19.15 20.00
CA ARG B 139 -11.77 18.50 21.17
C ARG B 139 -12.53 17.23 20.75
N GLY B 140 -11.97 16.51 19.79
CA GLY B 140 -12.54 15.26 19.34
C GLY B 140 -13.73 15.44 18.41
N GLY B 141 -14.13 16.68 18.18
CA GLY B 141 -15.25 16.99 17.32
C GLY B 141 -14.82 17.39 15.92
N LYS B 142 -15.56 16.94 14.92
CA LYS B 142 -15.24 17.27 13.53
C LYS B 142 -15.61 18.71 13.22
N LEU B 143 -14.61 19.57 13.13
CA LEU B 143 -14.82 20.99 12.88
C LEU B 143 -15.07 21.27 11.41
N ALA B 144 -14.50 20.45 10.54
CA ALA B 144 -14.64 20.64 9.10
C ALA B 144 -14.42 19.35 8.32
N GLY B 145 -15.09 19.24 7.17
CA GLY B 145 -14.91 18.10 6.28
C GLY B 145 -14.39 18.53 4.93
N ILE B 146 -13.52 17.70 4.34
CA ILE B 146 -12.88 18.02 3.06
C ILE B 146 -13.16 16.96 2.00
N LEU B 147 -13.50 17.38 0.79
CA LEU B 147 -13.75 16.46 -0.30
C LEU B 147 -13.11 16.92 -1.61
N ALA B 148 -12.27 16.05 -2.18
CA ALA B 148 -11.63 16.35 -3.45
C ALA B 148 -12.18 15.45 -4.55
N GLU B 149 -12.64 16.06 -5.64
CA GLU B 149 -13.19 15.30 -6.76
C GLU B 149 -12.45 15.64 -8.05
N VAL B 150 -12.09 14.60 -8.80
CA VAL B 150 -11.23 14.77 -9.97
C VAL B 150 -12.02 14.88 -11.27
N ALA B 151 -11.78 15.97 -12.00
CA ALA B 151 -12.31 16.14 -13.35
C ALA B 151 -11.23 16.77 -14.21
N GLN B 152 -10.34 15.93 -14.74
CA GLN B 152 -9.18 16.39 -15.50
C GLN B 152 -9.59 17.37 -16.59
N PRO B 153 -8.81 18.44 -16.78
CA PRO B 153 -7.54 18.73 -16.10
C PRO B 153 -7.67 19.41 -14.74
N PHE B 154 -8.79 19.22 -14.04
CA PHE B 154 -9.01 19.93 -12.79
C PHE B 154 -9.28 19.00 -11.60
N VAL B 155 -9.12 19.56 -10.41
CA VAL B 155 -9.56 18.93 -9.18
C VAL B 155 -10.42 19.93 -8.41
N VAL B 156 -11.61 19.52 -8.02
CA VAL B 156 -12.52 20.39 -7.28
C VAL B 156 -12.40 20.16 -5.78
N LEU B 157 -11.81 21.13 -5.08
CA LEU B 157 -11.62 21.05 -3.64
C LEU B 157 -12.76 21.69 -2.88
N GLY B 158 -13.52 20.89 -2.15
CA GLY B 158 -14.64 21.39 -1.37
C GLY B 158 -14.39 21.36 0.11
N VAL B 159 -14.75 22.46 0.78
CA VAL B 159 -14.56 22.58 2.23
C VAL B 159 -15.86 22.95 2.92
N GLY B 160 -16.18 22.21 3.98
CA GLY B 160 -17.34 22.52 4.81
C GLY B 160 -16.92 22.80 6.23
N LEU B 161 -16.83 24.08 6.58
CA LEU B 161 -16.37 24.47 7.91
C LEU B 161 -17.52 24.91 8.82
N ASN B 162 -17.72 24.16 9.90
CA ASN B 162 -18.76 24.50 10.87
C ASN B 162 -18.39 25.76 11.66
N VAL B 163 -19.11 26.85 11.42
CA VAL B 163 -18.82 28.11 12.09
C VAL B 163 -19.73 28.32 13.30
N THR B 164 -21.03 28.29 13.07
CA THR B 164 -22.01 28.37 14.15
C THR B 164 -22.95 27.18 14.11
N GLN B 165 -22.56 26.16 13.32
CA GLN B 165 -23.38 24.98 13.12
C GLN B 165 -23.49 24.13 14.38
N ALA B 166 -24.72 23.93 14.86
CA ALA B 166 -24.96 23.07 16.01
C ALA B 166 -24.91 21.61 15.59
N PRO B 167 -24.25 20.76 16.41
CA PRO B 167 -24.10 19.33 16.14
C PRO B 167 -25.43 18.61 15.95
N GLU B 168 -26.46 19.05 16.66
CA GLU B 168 -27.76 18.42 16.60
C GLU B 168 -28.42 18.59 15.23
N GLU B 169 -27.94 19.55 14.46
CA GLU B 169 -28.54 19.88 13.18
C GLU B 169 -27.91 19.07 12.03
N VAL B 170 -26.67 18.63 12.21
CA VAL B 170 -25.93 18.01 11.13
C VAL B 170 -25.37 16.61 11.46
N ASP B 171 -24.70 16.50 12.60
CA ASP B 171 -24.05 15.25 12.99
C ASP B 171 -23.67 15.31 14.47
N PRO B 172 -24.04 14.27 15.22
CA PRO B 172 -23.84 14.24 16.67
C PRO B 172 -22.38 14.34 17.10
N ASP B 173 -21.45 13.97 16.23
CA ASP B 173 -20.04 14.00 16.56
C ASP B 173 -19.35 15.24 15.99
N ALA B 174 -20.14 16.19 15.53
CA ALA B 174 -19.61 17.42 14.96
C ALA B 174 -19.37 18.48 16.04
N THR B 175 -18.61 19.50 15.68
CA THR B 175 -18.42 20.66 16.54
C THR B 175 -18.37 21.91 15.68
N SER B 176 -18.25 23.08 16.30
CA SER B 176 -18.15 24.32 15.56
C SER B 176 -17.34 25.34 16.34
N LEU B 177 -16.94 26.42 15.68
CA LEU B 177 -16.16 27.47 16.32
C LEU B 177 -16.93 28.12 17.46
N LEU B 178 -18.25 28.22 17.30
CA LEU B 178 -19.10 28.78 18.34
C LEU B 178 -19.11 27.89 19.58
N ASP B 179 -19.24 26.59 19.37
CA ASP B 179 -19.28 25.63 20.46
C ASP B 179 -17.90 25.46 21.09
N LEU B 180 -16.85 25.87 20.38
CA LEU B 180 -15.49 25.74 20.88
C LEU B 180 -15.04 26.96 21.68
N GLY B 181 -15.86 28.01 21.69
CA GLY B 181 -15.56 29.17 22.49
C GLY B 181 -15.69 30.51 21.80
N VAL B 182 -15.50 30.53 20.48
CA VAL B 182 -15.57 31.77 19.72
C VAL B 182 -16.94 32.42 19.84
N ALA B 183 -17.00 33.55 20.54
CA ALA B 183 -18.25 34.21 20.87
C ALA B 183 -19.06 34.59 19.64
N ALA B 184 -18.50 35.44 18.79
CA ALA B 184 -19.16 35.87 17.57
C ALA B 184 -18.23 35.75 16.37
N PRO B 185 -18.14 34.56 15.78
CA PRO B 185 -17.25 34.30 14.65
C PRO B 185 -17.65 35.09 13.40
N ASP B 186 -16.67 35.75 12.77
CA ASP B 186 -16.89 36.52 11.56
C ASP B 186 -16.62 35.67 10.33
N ARG B 187 -17.68 35.19 9.70
CA ARG B 187 -17.55 34.29 8.55
C ARG B 187 -16.80 34.92 7.39
N ASN B 188 -16.90 36.24 7.25
CA ASN B 188 -16.20 36.94 6.17
C ASN B 188 -14.69 36.92 6.37
N ARG B 189 -14.25 37.26 7.58
CA ARG B 189 -12.82 37.29 7.88
C ARG B 189 -12.22 35.89 7.86
N ILE B 190 -12.99 34.91 8.32
CA ILE B 190 -12.52 33.52 8.34
C ILE B 190 -12.41 32.97 6.92
N ALA B 191 -13.43 33.22 6.10
CA ALA B 191 -13.44 32.76 4.71
C ALA B 191 -12.32 33.41 3.92
N SER B 192 -12.13 34.71 4.14
CA SER B 192 -11.07 35.45 3.48
C SER B 192 -9.71 34.85 3.82
N ARG B 193 -9.50 34.56 5.10
CA ARG B 193 -8.26 33.96 5.57
C ARG B 193 -8.11 32.53 5.04
N LEU B 194 -9.21 31.77 5.06
CA LEU B 194 -9.22 30.40 4.58
C LEU B 194 -8.77 30.30 3.14
N LEU B 195 -9.24 31.21 2.30
CA LEU B 195 -8.92 31.18 0.88
C LEU B 195 -7.46 31.55 0.62
N ARG B 196 -6.90 32.39 1.48
CA ARG B 196 -5.48 32.71 1.38
C ARG B 196 -4.63 31.53 1.83
N GLU B 197 -5.04 30.88 2.91
CA GLU B 197 -4.33 29.71 3.42
C GLU B 197 -4.43 28.55 2.43
N LEU B 198 -5.60 28.42 1.80
CA LEU B 198 -5.82 27.38 0.78
C LEU B 198 -4.87 27.55 -0.39
N GLU B 199 -4.72 28.79 -0.86
CA GLU B 199 -3.82 29.07 -1.97
C GLU B 199 -2.39 28.67 -1.62
N ALA B 200 -1.98 29.00 -0.39
CA ALA B 200 -0.62 28.72 0.06
C ALA B 200 -0.33 27.22 0.04
N ARG B 201 -1.26 26.43 0.57
CA ARG B 201 -1.09 24.99 0.65
C ARG B 201 -1.15 24.33 -0.73
N ILE B 202 -2.01 24.86 -1.60
CA ILE B 202 -2.12 24.35 -2.96
C ILE B 202 -0.84 24.61 -3.73
N ILE B 203 -0.35 25.85 -3.64
CA ILE B 203 0.85 26.26 -4.36
C ILE B 203 2.06 25.46 -3.91
N GLN B 204 2.18 25.21 -2.60
CA GLN B 204 3.30 24.43 -2.09
C GLN B 204 3.11 22.95 -2.40
N TRP B 205 1.87 22.56 -2.67
CA TRP B 205 1.58 21.22 -3.18
C TRP B 205 1.97 21.12 -4.65
N ARG B 206 1.71 22.21 -5.38
CA ARG B 206 2.00 22.27 -6.81
C ARG B 206 3.50 22.25 -7.08
N ASN B 207 4.24 23.05 -6.31
CA ASN B 207 5.68 23.13 -6.46
C ASN B 207 6.39 22.01 -5.70
N ALA B 208 5.59 21.10 -5.15
CA ALA B 208 6.10 19.96 -4.38
C ALA B 208 7.00 20.42 -3.23
N ASN B 209 6.60 21.48 -2.54
CA ASN B 209 7.30 21.93 -1.35
C ASN B 209 7.19 20.87 -0.26
N PRO B 210 8.33 20.27 0.11
CA PRO B 210 8.39 19.12 1.03
C PRO B 210 7.81 19.41 2.42
N GLN B 211 7.66 20.68 2.77
CA GLN B 211 7.13 21.04 4.08
C GLN B 211 5.67 20.65 4.23
N LEU B 212 4.97 20.52 3.11
CA LEU B 212 3.56 20.12 3.12
C LEU B 212 3.37 18.80 3.86
N ALA B 213 4.19 17.82 3.52
CA ALA B 213 4.14 16.52 4.19
C ALA B 213 4.60 16.63 5.64
N ALA B 214 5.59 17.49 5.87
CA ALA B 214 6.13 17.69 7.22
C ALA B 214 5.11 18.39 8.11
N ASP B 215 4.50 19.45 7.58
CA ASP B 215 3.52 20.23 8.33
C ASP B 215 2.27 19.41 8.63
N TYR B 216 1.89 18.54 7.70
CA TYR B 216 0.72 17.69 7.89
C TYR B 216 0.97 16.69 9.02
N ARG B 217 2.12 16.03 8.97
CA ARG B 217 2.47 15.03 9.98
C ARG B 217 2.63 15.67 11.35
N ALA B 218 3.04 16.94 11.37
CA ALA B 218 3.23 17.67 12.61
C ALA B 218 1.90 17.86 13.35
N ARG B 219 0.86 18.25 12.62
CA ARG B 219 -0.43 18.50 13.24
C ARG B 219 -1.42 17.36 12.99
N SER B 220 -0.88 16.18 12.71
CA SER B 220 -1.72 14.99 12.51
C SER B 220 -2.10 14.35 13.84
N LEU B 221 -3.38 13.99 13.96
CA LEU B 221 -3.86 13.31 15.16
C LEU B 221 -3.88 11.80 14.96
N THR B 222 -3.62 11.36 13.74
CA THR B 222 -3.65 9.95 13.40
C THR B 222 -2.27 9.32 13.57
N ILE B 223 -1.24 10.01 13.10
CA ILE B 223 0.13 9.54 13.18
C ILE B 223 0.58 9.29 14.62
N GLY B 224 1.13 8.10 14.88
CA GLY B 224 1.63 7.76 16.19
C GLY B 224 0.60 7.09 17.08
N SER B 225 -0.59 6.87 16.52
CA SER B 225 -1.68 6.27 17.27
C SER B 225 -2.06 4.91 16.72
N ARG B 226 -2.41 3.99 17.62
CA ARG B 226 -3.05 2.76 17.19
C ARG B 226 -4.45 3.13 16.69
N VAL B 227 -4.74 2.81 15.43
CA VAL B 227 -6.00 3.23 14.84
C VAL B 227 -6.75 2.05 14.23
N ARG B 228 -8.05 2.25 14.03
CA ARG B 228 -8.89 1.25 13.39
C ARG B 228 -9.42 1.80 12.08
N VAL B 229 -8.98 1.21 10.97
CA VAL B 229 -9.41 1.66 9.65
C VAL B 229 -10.54 0.78 9.13
N GLU B 230 -11.75 1.34 9.07
CA GLU B 230 -12.91 0.59 8.61
C GLU B 230 -12.92 0.46 7.10
N LEU B 231 -13.21 -0.75 6.63
CA LEU B 231 -13.23 -1.07 5.21
C LEU B 231 -14.55 -1.74 4.82
N PRO B 232 -14.94 -1.63 3.54
CA PRO B 232 -16.17 -2.27 3.05
C PRO B 232 -16.21 -3.77 3.33
N GLY B 233 -17.41 -4.33 3.36
CA GLY B 233 -17.57 -5.74 3.66
C GLY B 233 -17.64 -6.00 5.15
N GLY B 234 -17.88 -4.93 5.91
CA GLY B 234 -17.94 -5.02 7.36
C GLY B 234 -16.61 -5.42 7.96
N GLN B 235 -15.53 -4.95 7.34
CA GLN B 235 -14.18 -5.31 7.78
C GLN B 235 -13.45 -4.12 8.38
N ASP B 236 -12.33 -4.40 9.04
CA ASP B 236 -11.50 -3.36 9.64
C ASP B 236 -10.08 -3.85 9.85
N VAL B 237 -9.12 -2.95 9.65
CA VAL B 237 -7.71 -3.28 9.88
C VAL B 237 -7.15 -2.38 10.98
N VAL B 238 -6.53 -3.01 11.97
CA VAL B 238 -5.98 -2.28 13.11
C VAL B 238 -4.46 -2.30 13.09
N GLY B 239 -3.86 -1.13 13.30
CA GLY B 239 -2.41 -1.02 13.35
C GLY B 239 -1.96 0.33 13.86
N ILE B 240 -0.65 0.53 13.95
CA ILE B 240 -0.12 1.82 14.34
C ILE B 240 0.09 2.69 13.11
N ALA B 241 -0.58 3.84 13.08
CA ALA B 241 -0.40 4.78 11.97
C ALA B 241 1.00 5.38 12.04
N ARG B 242 1.85 4.97 11.11
CA ARG B 242 3.26 5.37 11.12
C ARG B 242 3.54 6.57 10.23
N ASP B 243 2.95 6.59 9.04
CA ASP B 243 3.30 7.60 8.05
C ASP B 243 2.23 7.79 6.98
N ILE B 244 2.40 8.84 6.18
CA ILE B 244 1.60 9.06 4.98
C ILE B 244 2.54 9.03 3.78
N ASP B 245 2.27 8.16 2.81
CA ASP B 245 3.19 8.00 1.69
C ASP B 245 3.07 9.13 0.67
N ASP B 246 3.70 8.94 -0.49
CA ASP B 246 3.71 9.94 -1.55
C ASP B 246 2.32 10.17 -2.13
N GLN B 247 1.45 9.18 -2.01
CA GLN B 247 0.14 9.25 -2.63
C GLN B 247 -0.94 9.71 -1.66
N GLY B 248 -0.53 10.10 -0.46
CA GLY B 248 -1.47 10.56 0.55
C GLY B 248 -2.18 9.43 1.27
N ARG B 249 -1.63 8.22 1.17
CA ARG B 249 -2.24 7.04 1.77
C ARG B 249 -1.67 6.77 3.17
N LEU B 250 -2.48 6.17 4.03
CA LEU B 250 -2.07 5.89 5.40
C LEU B 250 -1.21 4.62 5.47
N CYS B 251 -0.04 4.75 6.08
CA CYS B 251 0.86 3.61 6.25
C CYS B 251 0.76 3.05 7.66
N LEU B 252 0.25 1.83 7.77
CA LEU B 252 0.03 1.22 9.08
C LEU B 252 1.12 0.22 9.45
N ASP B 253 1.43 0.15 10.74
CA ASP B 253 2.24 -0.93 11.27
C ASP B 253 1.33 -2.05 11.76
N VAL B 254 1.28 -3.14 11.01
CA VAL B 254 0.44 -4.28 11.36
C VAL B 254 1.28 -5.53 11.62
N GLY B 255 1.39 -5.90 12.89
CA GLY B 255 2.14 -7.09 13.27
C GLY B 255 3.62 -7.02 12.95
N GLY B 256 4.14 -5.80 12.81
CA GLY B 256 5.55 -5.60 12.52
C GLY B 256 5.84 -5.33 11.06
N ARG B 257 4.82 -5.38 10.21
CA ARG B 257 4.99 -5.13 8.79
C ARG B 257 4.07 -3.99 8.33
N THR B 258 4.37 -3.44 7.15
CA THR B 258 3.66 -2.27 6.65
C THR B 258 2.41 -2.63 5.84
N VAL B 259 1.29 -2.02 6.21
CA VAL B 259 0.07 -2.12 5.42
C VAL B 259 -0.39 -0.73 5.01
N VAL B 260 -0.67 -0.55 3.73
CA VAL B 260 -1.05 0.76 3.21
C VAL B 260 -2.53 0.80 2.80
N VAL B 261 -3.22 1.85 3.22
CA VAL B 261 -4.63 2.02 2.89
C VAL B 261 -4.86 3.34 2.16
N SER B 262 -5.52 3.27 1.02
CA SER B 262 -5.76 4.45 0.19
C SER B 262 -6.76 5.41 0.83
N ALA B 263 -7.90 4.88 1.24
CA ALA B 263 -8.94 5.68 1.87
C ALA B 263 -9.77 4.83 2.82
N GLY B 264 -10.43 5.48 3.76
CA GLY B 264 -11.26 4.79 4.73
C GLY B 264 -11.49 5.62 5.99
N ASP B 265 -12.44 5.18 6.81
CA ASP B 265 -12.75 5.89 8.06
C ASP B 265 -11.85 5.43 9.19
N VAL B 266 -11.19 6.37 9.85
CA VAL B 266 -10.25 6.07 10.90
C VAL B 266 -10.83 6.36 12.28
N VAL B 267 -10.74 5.37 13.17
CA VAL B 267 -11.09 5.56 14.57
C VAL B 267 -9.83 5.47 15.43
N HIS B 268 -9.48 6.58 16.08
CA HIS B 268 -8.32 6.60 16.96
C HIS B 268 -8.60 5.76 18.20
N LEU B 269 -7.83 4.68 18.37
CA LEU B 269 -8.04 3.78 19.49
C LEU B 269 -7.27 4.23 20.73
N ARG B 270 -7.76 5.30 21.35
CA ARG B 270 -7.18 5.81 22.58
C ARG B 270 -8.15 6.69 23.35
#